data_6M7W
#
_entry.id   6M7W
#
_cell.length_a   76.724
_cell.length_b   76.724
_cell.length_c   66.788
_cell.angle_alpha   90.00
_cell.angle_beta   90.00
_cell.angle_gamma   120.00
#
_symmetry.space_group_name_H-M   'P 31 2 1'
#
loop_
_entity.id
_entity.type
_entity.pdbx_description
1 polymer 'Phosphorelay intermediate protein YPD1'
2 water water
#
_entity_poly.entity_id   1
_entity_poly.type   'polypeptide(L)'
_entity_poly.pdbx_seq_one_letter_code
;MSTIPSEIINWTILNEIISMDDDDSDFSKGLIIQFIDQAQTTFAQMQRQLDGEKNLTELDNLGHFLKQSSAALGLQRIAW
VCERIQNLGRKMEHFFPNKTELVNTLSDKSIINGINIDEDDEEIKIQVDDKDENSIYLILIAKALNQSRLEFKLARIELS
KYYNTNL
;
_entity_poly.pdbx_strand_id   A
#
# COMPACT_ATOMS: atom_id res chain seq x y z
N SER A 2 -5.19 2.77 -15.43
CA SER A 2 -4.13 3.72 -15.08
C SER A 2 -2.86 2.93 -14.68
N THR A 3 -1.70 3.56 -14.61
CA THR A 3 -0.47 2.86 -14.28
C THR A 3 0.05 3.30 -12.92
N ILE A 4 0.59 2.33 -12.17
CA ILE A 4 1.17 2.67 -10.87
C ILE A 4 2.31 3.66 -11.09
N PRO A 5 2.42 4.72 -10.29
CA PRO A 5 3.57 5.62 -10.44
C PRO A 5 4.89 4.87 -10.26
N SER A 6 5.92 5.29 -11.00
CA SER A 6 7.21 4.62 -10.86
C SER A 6 8.00 5.09 -9.64
N GLU A 7 7.70 6.27 -9.08
CA GLU A 7 8.42 6.77 -7.91
C GLU A 7 7.59 6.53 -6.65
N ILE A 8 8.29 6.10 -5.59
CA ILE A 8 7.68 5.80 -4.29
C ILE A 8 7.11 7.06 -3.65
N ILE A 9 7.86 8.16 -3.73
CA ILE A 9 7.45 9.45 -3.16
C ILE A 9 7.32 10.45 -4.29
N ASN A 10 6.20 11.14 -4.32
CA ASN A 10 5.99 12.18 -5.30
C ASN A 10 6.99 13.32 -5.09
N TRP A 11 7.36 13.93 -6.20
CA TRP A 11 8.43 14.92 -6.21
C TRP A 11 8.03 16.19 -5.48
N THR A 12 6.75 16.55 -5.51
CA THR A 12 6.22 17.58 -4.64
C THR A 12 6.70 17.41 -3.19
N ILE A 13 6.48 16.22 -2.63
CA ILE A 13 6.84 15.94 -1.23
C ILE A 13 8.33 15.77 -1.07
N LEU A 14 9.01 15.22 -2.06
CA LEU A 14 10.45 15.10 -1.97
C LEU A 14 11.10 16.48 -1.87
N ASN A 15 10.60 17.45 -2.65
CA ASN A 15 11.07 18.83 -2.53
C ASN A 15 10.83 19.40 -1.14
N GLU A 16 9.63 19.18 -0.58
CA GLU A 16 9.36 19.71 0.76
C GLU A 16 10.30 19.12 1.78
N ILE A 17 10.48 17.79 1.74
CA ILE A 17 11.38 17.15 2.69
C ILE A 17 12.76 17.79 2.67
N ILE A 18 13.32 17.98 1.47
CA ILE A 18 14.66 18.53 1.32
C ILE A 18 14.71 20.01 1.73
N SER A 19 13.57 20.69 1.73
CA SER A 19 13.55 22.12 1.99
C SER A 19 13.07 22.49 3.39
N MET A 20 12.58 21.54 4.16
CA MET A 20 11.91 21.89 5.41
C MET A 20 12.92 22.34 6.46
N ASP A 21 12.53 23.32 7.29
CA ASP A 21 13.37 23.72 8.42
C ASP A 21 13.19 22.69 9.55
N ASP A 22 13.81 22.96 10.70
CA ASP A 22 13.78 21.98 11.79
C ASP A 22 12.37 21.76 12.31
N ASP A 23 11.60 22.85 12.49
CA ASP A 23 10.24 22.72 13.01
C ASP A 23 9.37 21.90 12.08
N ASP A 24 9.36 22.24 10.79
CA ASP A 24 8.54 21.50 9.84
C ASP A 24 9.02 20.07 9.70
N SER A 25 10.33 19.84 9.82
CA SER A 25 10.82 18.47 9.68
C SER A 25 10.35 17.59 10.83
N ASP A 26 10.39 18.11 12.08
CA ASP A 26 9.86 17.35 13.20
C ASP A 26 8.37 17.07 13.02
N PHE A 27 7.61 18.10 12.62
CA PHE A 27 6.18 17.93 12.40
C PHE A 27 5.92 16.85 11.35
N SER A 28 6.61 16.91 10.21
CA SER A 28 6.37 15.91 9.16
C SER A 28 6.76 14.52 9.63
N LYS A 29 7.84 14.42 10.41
CA LYS A 29 8.24 13.12 10.92
C LYS A 29 7.16 12.53 11.82
N GLY A 30 6.57 13.35 12.69
CA GLY A 30 5.43 12.90 13.46
C GLY A 30 4.29 12.39 12.59
N LEU A 31 3.99 13.11 11.50
CA LEU A 31 2.92 12.65 10.61
C LEU A 31 3.21 11.26 10.09
N ILE A 32 4.47 11.00 9.71
CA ILE A 32 4.86 9.72 9.12
C ILE A 32 4.76 8.59 10.14
N ILE A 33 5.25 8.83 11.36
CA ILE A 33 5.14 7.84 12.43
C ILE A 33 3.68 7.49 12.68
N GLN A 34 2.80 8.50 12.68
CA GLN A 34 1.36 8.24 12.82
C GLN A 34 0.84 7.43 11.65
N PHE A 35 1.32 7.72 10.44
CA PHE A 35 0.83 7.00 9.28
C PHE A 35 1.28 5.55 9.34
N ILE A 36 2.52 5.33 9.78
CA ILE A 36 3.02 3.95 9.87
C ILE A 36 2.12 3.13 10.78
N ASP A 37 1.76 3.67 11.97
CA ASP A 37 0.87 2.93 12.86
C ASP A 37 -0.51 2.75 12.25
N GLN A 38 -0.97 3.76 11.51
CA GLN A 38 -2.28 3.65 10.88
C GLN A 38 -2.31 2.56 9.82
N ALA A 39 -1.27 2.51 8.98
CA ALA A 39 -1.24 1.57 7.88
C ALA A 39 -1.10 0.14 8.39
N GLN A 40 -0.27 -0.06 9.42
CA GLN A 40 -0.19 -1.40 9.99
C GLN A 40 -1.53 -1.85 10.59
N THR A 41 -2.27 -0.94 11.24
CA THR A 41 -3.60 -1.33 11.71
C THR A 41 -4.48 -1.67 10.51
N THR A 42 -4.46 -0.82 9.49
CA THR A 42 -5.30 -1.00 8.31
C THR A 42 -5.04 -2.31 7.59
N PHE A 43 -3.76 -2.61 7.30
CA PHE A 43 -3.45 -3.88 6.64
C PHE A 43 -3.92 -5.08 7.44
N ALA A 44 -3.77 -5.02 8.77
CA ALA A 44 -4.15 -6.17 9.59
C ALA A 44 -5.67 -6.30 9.64
N GLN A 45 -6.40 -5.18 9.56
CA GLN A 45 -7.86 -5.27 9.45
C GLN A 45 -8.28 -5.87 8.10
N MET A 46 -7.61 -5.48 7.02
CA MET A 46 -7.93 -6.09 5.72
C MET A 46 -7.64 -7.58 5.74
N GLN A 47 -6.50 -8.00 6.31
CA GLN A 47 -6.20 -9.43 6.39
C GLN A 47 -7.25 -10.17 7.21
N ARG A 48 -7.69 -9.59 8.34
CA ARG A 48 -8.68 -10.28 9.15
CA ARG A 48 -8.70 -10.25 9.16
C ARG A 48 -10.01 -10.43 8.38
N GLN A 49 -10.36 -9.44 7.57
CA GLN A 49 -11.56 -9.58 6.74
C GLN A 49 -11.39 -10.71 5.72
N LEU A 50 -10.28 -10.73 4.97
CA LEU A 50 -10.04 -11.78 3.99
C LEU A 50 -10.07 -13.18 4.62
N ASP A 51 -9.63 -13.31 5.88
CA ASP A 51 -9.62 -14.57 6.60
C ASP A 51 -10.92 -14.86 7.34
N GLY A 52 -11.83 -13.91 7.40
CA GLY A 52 -13.01 -14.06 8.25
C GLY A 52 -14.30 -13.71 7.54
N GLU A 53 -14.89 -12.54 7.86
CA GLU A 53 -16.24 -12.22 7.37
C GLU A 53 -16.28 -11.96 5.87
N LYS A 54 -15.16 -11.53 5.28
CA LYS A 54 -15.06 -11.25 3.85
C LYS A 54 -16.04 -10.15 3.41
N ASN A 55 -16.17 -9.11 4.22
CA ASN A 55 -17.07 -8.00 3.92
C ASN A 55 -16.40 -7.08 2.88
N LEU A 56 -16.90 -7.09 1.64
CA LEU A 56 -16.31 -6.26 0.60
C LEU A 56 -16.48 -4.78 0.89
N THR A 57 -17.59 -4.40 1.53
CA THR A 57 -17.82 -3.00 1.86
C THR A 57 -16.79 -2.49 2.86
N GLU A 58 -16.42 -3.32 3.84
CA GLU A 58 -15.35 -2.92 4.75
C GLU A 58 -14.00 -2.82 4.06
N LEU A 59 -13.66 -3.80 3.21
CA LEU A 59 -12.40 -3.74 2.46
C LEU A 59 -12.33 -2.50 1.60
N ASP A 60 -13.47 -2.11 1.02
CA ASP A 60 -13.50 -0.88 0.24
C ASP A 60 -13.23 0.33 1.11
N ASN A 61 -13.94 0.44 2.24
CA ASN A 61 -13.73 1.56 3.18
C ASN A 61 -12.28 1.60 3.68
N LEU A 62 -11.68 0.43 3.94
CA LEU A 62 -10.30 0.40 4.42
C LEU A 62 -9.34 0.95 3.38
N GLY A 63 -9.52 0.55 2.11
CA GLY A 63 -8.68 1.05 1.05
C GLY A 63 -8.87 2.55 0.81
N HIS A 64 -10.13 3.01 0.88
CA HIS A 64 -10.40 4.44 0.73
C HIS A 64 -9.69 5.24 1.82
N PHE A 65 -9.74 4.77 3.05
CA PHE A 65 -9.13 5.49 4.15
C PHE A 65 -7.61 5.59 3.97
N LEU A 66 -6.95 4.49 3.57
CA LEU A 66 -5.49 4.49 3.51
C LEU A 66 -4.96 5.12 2.23
N LYS A 67 -5.75 5.09 1.15
CA LYS A 67 -5.42 5.89 -0.04
C LYS A 67 -5.23 7.38 0.34
N GLN A 68 -6.14 7.93 1.14
CA GLN A 68 -6.03 9.35 1.47
C GLN A 68 -4.84 9.62 2.38
N SER A 69 -4.64 8.79 3.42
CA SER A 69 -3.55 9.03 4.36
CA SER A 69 -3.55 9.08 4.34
C SER A 69 -2.19 8.91 3.68
N SER A 70 -2.05 7.88 2.80
CA SER A 70 -0.76 7.71 2.10
C SER A 70 -0.55 8.79 1.03
N ALA A 71 -1.61 9.17 0.30
CA ALA A 71 -1.47 10.18 -0.76
C ALA A 71 -1.09 11.53 -0.18
N ALA A 72 -1.61 11.86 1.00
CA ALA A 72 -1.29 13.16 1.59
C ALA A 72 0.18 13.24 2.00
N LEU A 73 0.85 12.12 2.20
CA LEU A 73 2.28 12.10 2.47
C LEU A 73 3.12 11.87 1.21
N GLY A 74 2.49 11.90 0.04
CA GLY A 74 3.24 11.70 -1.19
C GLY A 74 3.51 10.24 -1.52
N LEU A 75 2.99 9.30 -0.74
CA LEU A 75 3.34 7.90 -0.93
C LEU A 75 2.37 7.29 -1.96
N GLN A 76 2.63 7.67 -3.22
CA GLN A 76 1.67 7.52 -4.30
C GLN A 76 1.54 6.08 -4.78
N ARG A 77 2.56 5.24 -4.57
CA ARG A 77 2.40 3.83 -4.95
C ARG A 77 1.50 3.09 -3.97
N ILE A 78 1.68 3.31 -2.66
CA ILE A 78 0.71 2.77 -1.69
C ILE A 78 -0.69 3.25 -2.06
N ALA A 79 -0.80 4.56 -2.32
CA ALA A 79 -2.09 5.15 -2.60
C ALA A 79 -2.74 4.48 -3.81
N TRP A 80 -1.96 4.21 -4.85
CA TRP A 80 -2.50 3.59 -6.07
C TRP A 80 -3.05 2.21 -5.76
N VAL A 81 -2.27 1.39 -5.04
CA VAL A 81 -2.75 0.07 -4.67
C VAL A 81 -4.02 0.16 -3.82
N CYS A 82 -4.04 1.07 -2.84
CA CYS A 82 -5.27 1.24 -2.03
C CYS A 82 -6.46 1.63 -2.88
N GLU A 83 -6.23 2.41 -3.94
CA GLU A 83 -7.32 2.73 -4.84
C GLU A 83 -7.84 1.50 -5.58
N ARG A 84 -6.92 0.61 -6.02
CA ARG A 84 -7.35 -0.67 -6.58
C ARG A 84 -8.20 -1.47 -5.59
N ILE A 85 -7.76 -1.53 -4.33
CA ILE A 85 -8.52 -2.28 -3.30
C ILE A 85 -9.90 -1.70 -3.14
N GLN A 86 -9.98 -0.39 -3.01
CA GLN A 86 -11.27 0.30 -3.00
C GLN A 86 -12.16 -0.15 -4.17
N ASN A 87 -11.64 -0.07 -5.39
CA ASN A 87 -12.49 -0.30 -6.55
C ASN A 87 -12.79 -1.77 -6.74
N LEU A 88 -11.88 -2.65 -6.32
CA LEU A 88 -12.19 -4.07 -6.28
C LEU A 88 -13.28 -4.34 -5.26
N GLY A 89 -13.18 -3.71 -4.08
CA GLY A 89 -14.24 -3.83 -3.09
C GLY A 89 -15.58 -3.31 -3.58
N ARG A 90 -15.56 -2.34 -4.50
CA ARG A 90 -16.79 -1.85 -5.12
C ARG A 90 -17.19 -2.65 -6.34
N LYS A 91 -16.45 -3.72 -6.67
CA LYS A 91 -16.74 -4.56 -7.83
C LYS A 91 -16.68 -3.79 -9.14
N MET A 92 -15.88 -2.71 -9.21
CA MET A 92 -15.74 -1.93 -10.43
C MET A 92 -14.47 -2.30 -11.20
N GLU A 93 -13.60 -3.12 -10.62
CA GLU A 93 -12.43 -3.61 -11.30
C GLU A 93 -12.36 -5.12 -11.12
N HIS A 94 -11.61 -5.76 -12.01
CA HIS A 94 -11.56 -7.21 -12.10
C HIS A 94 -10.16 -7.68 -12.45
N PHE A 95 -9.14 -6.92 -12.03
CA PHE A 95 -7.78 -7.10 -12.47
C PHE A 95 -6.86 -6.55 -11.40
N PHE A 96 -5.76 -7.25 -11.15
CA PHE A 96 -4.70 -6.65 -10.33
C PHE A 96 -3.39 -7.23 -10.80
N PRO A 97 -2.43 -6.38 -11.15
CA PRO A 97 -1.23 -6.87 -11.85
C PRO A 97 -0.35 -7.71 -10.94
N ASN A 98 0.42 -8.58 -11.58
CA ASN A 98 1.39 -9.42 -10.87
C ASN A 98 2.45 -8.58 -10.19
N LYS A 99 3.01 -9.14 -9.12
CA LYS A 99 4.05 -8.45 -8.37
C LYS A 99 5.28 -8.16 -9.24
N THR A 100 5.64 -9.09 -10.14
CA THR A 100 6.79 -8.85 -11.03
C THR A 100 6.57 -7.64 -11.92
N GLU A 101 5.37 -7.49 -12.49
CA GLU A 101 5.06 -6.31 -13.29
C GLU A 101 5.20 -5.02 -12.47
N LEU A 102 4.62 -5.00 -11.26
CA LEU A 102 4.61 -3.75 -10.48
C LEU A 102 6.01 -3.38 -9.97
N VAL A 103 6.79 -4.38 -9.55
CA VAL A 103 8.17 -4.12 -9.16
C VAL A 103 8.99 -3.59 -10.34
N ASN A 104 8.79 -4.16 -11.52
CA ASN A 104 9.50 -3.71 -12.72
C ASN A 104 9.28 -2.23 -13.03
N THR A 105 8.16 -1.64 -12.59
CA THR A 105 7.90 -0.22 -12.85
C THR A 105 8.72 0.71 -11.96
N LEU A 106 9.40 0.18 -10.94
CA LEU A 106 10.17 1.02 -10.04
C LEU A 106 11.22 1.81 -10.81
N SER A 107 11.25 3.11 -10.60
CA SER A 107 12.22 3.93 -11.30
C SER A 107 13.63 3.65 -10.80
N ASP A 108 13.79 3.33 -9.52
CA ASP A 108 15.12 3.07 -8.95
C ASP A 108 15.27 1.56 -8.78
N LYS A 109 16.00 0.95 -9.71
CA LYS A 109 16.19 -0.49 -9.69
C LYS A 109 16.95 -0.99 -8.46
N SER A 110 17.49 -0.08 -7.62
CA SER A 110 18.33 -0.49 -6.51
C SER A 110 17.56 -0.84 -5.24
N ILE A 111 16.34 -0.31 -5.05
CA ILE A 111 15.69 -0.50 -3.75
C ILE A 111 15.19 -1.92 -3.55
N ILE A 112 15.28 -2.76 -4.59
CA ILE A 112 14.79 -4.13 -4.51
C ILE A 112 15.88 -5.10 -4.06
N ASN A 113 17.09 -4.97 -4.61
CA ASN A 113 18.02 -6.10 -4.64
C ASN A 113 18.39 -6.63 -3.25
N GLY A 114 18.25 -5.83 -2.19
CA GLY A 114 18.57 -6.31 -0.87
C GLY A 114 17.44 -6.99 -0.11
N ILE A 115 16.28 -7.16 -0.74
CA ILE A 115 15.02 -7.41 -0.08
C ILE A 115 14.40 -8.69 -0.60
N ASN A 116 13.79 -9.48 0.28
CA ASN A 116 12.88 -10.56 -0.15
C ASN A 116 11.50 -9.95 -0.39
N ILE A 117 11.12 -9.79 -1.67
CA ILE A 117 9.90 -9.05 -1.97
C ILE A 117 8.63 -9.81 -1.61
N ASP A 118 8.73 -11.09 -1.31
CA ASP A 118 7.58 -11.88 -0.85
C ASP A 118 7.54 -12.03 0.66
N GLU A 119 8.46 -11.39 1.38
CA GLU A 119 8.64 -11.67 2.80
C GLU A 119 7.35 -11.45 3.59
N ASP A 120 6.60 -10.41 3.25
CA ASP A 120 5.38 -10.08 3.99
C ASP A 120 4.13 -10.66 3.33
N ASP A 121 4.26 -11.52 2.32
CA ASP A 121 3.09 -12.14 1.72
C ASP A 121 2.32 -12.98 2.73
N GLU A 122 1.00 -13.06 2.53
CA GLU A 122 0.15 -14.04 3.18
C GLU A 122 -0.50 -14.90 2.10
N GLU A 123 -0.54 -16.20 2.33
CA GLU A 123 -1.10 -17.16 1.37
C GLU A 123 -2.54 -16.79 1.03
N ILE A 124 -2.89 -16.90 -0.24
CA ILE A 124 -4.26 -16.62 -0.68
C ILE A 124 -5.03 -17.93 -0.66
N LYS A 125 -5.97 -18.05 0.27
CA LYS A 125 -6.72 -19.29 0.48
C LYS A 125 -8.13 -19.24 -0.08
N ILE A 126 -8.54 -18.13 -0.66
CA ILE A 126 -9.87 -17.99 -1.22
C ILE A 126 -9.87 -18.57 -2.62
N GLN A 127 -10.89 -19.38 -2.93
CA GLN A 127 -11.03 -20.07 -4.20
C GLN A 127 -12.05 -19.37 -5.09
N VAL A 128 -11.77 -19.36 -6.39
CA VAL A 128 -12.78 -18.95 -7.37
C VAL A 128 -13.98 -19.89 -7.30
N ASP A 129 -15.18 -19.31 -7.16
CA ASP A 129 -16.38 -20.12 -6.96
C ASP A 129 -17.57 -19.43 -7.63
N ASP A 130 -18.20 -20.10 -8.60
CA ASP A 130 -19.37 -19.50 -9.22
C ASP A 130 -20.55 -19.37 -8.27
N LYS A 131 -20.54 -20.06 -7.13
CA LYS A 131 -21.59 -19.90 -6.14
C LYS A 131 -21.32 -18.74 -5.18
N ASP A 132 -20.12 -18.17 -5.20
CA ASP A 132 -19.82 -17.00 -4.38
C ASP A 132 -19.41 -15.90 -5.35
N GLU A 133 -20.35 -15.01 -5.65
CA GLU A 133 -20.11 -13.91 -6.57
C GLU A 133 -18.95 -13.03 -6.13
N ASN A 134 -18.61 -13.02 -4.84
CA ASN A 134 -17.54 -12.16 -4.36
C ASN A 134 -16.15 -12.80 -4.42
N SER A 135 -16.05 -14.10 -4.70
CA SER A 135 -14.76 -14.79 -4.55
C SER A 135 -13.65 -14.13 -5.37
N ILE A 136 -13.94 -13.72 -6.60
CA ILE A 136 -12.88 -13.22 -7.48
C ILE A 136 -12.35 -11.90 -6.95
N TYR A 137 -13.26 -11.02 -6.50
CA TYR A 137 -12.84 -9.74 -5.96
C TYR A 137 -12.00 -9.92 -4.71
N LEU A 138 -12.38 -10.88 -3.85
CA LEU A 138 -11.63 -11.11 -2.63
C LEU A 138 -10.22 -11.60 -2.93
N ILE A 139 -10.07 -12.47 -3.94
CA ILE A 139 -8.76 -12.99 -4.34
C ILE A 139 -7.89 -11.85 -4.85
N LEU A 140 -8.46 -10.96 -5.67
CA LEU A 140 -7.67 -9.84 -6.17
C LEU A 140 -7.32 -8.85 -5.06
N ILE A 141 -8.21 -8.66 -4.08
CA ILE A 141 -7.85 -7.81 -2.95
C ILE A 141 -6.73 -8.46 -2.14
N ALA A 142 -6.77 -9.79 -1.97
CA ALA A 142 -5.68 -10.47 -1.27
C ALA A 142 -4.35 -10.29 -1.98
N LYS A 143 -4.36 -10.40 -3.32
CA LYS A 143 -3.15 -10.08 -4.09
C LYS A 143 -2.73 -8.63 -3.88
N ALA A 144 -3.68 -7.70 -3.89
CA ALA A 144 -3.34 -6.30 -3.74
C ALA A 144 -2.81 -5.99 -2.35
N LEU A 145 -3.32 -6.68 -1.32
CA LEU A 145 -2.82 -6.49 0.04
C LEU A 145 -1.38 -6.97 0.16
N ASN A 146 -1.04 -8.10 -0.46
CA ASN A 146 0.38 -8.48 -0.50
C ASN A 146 1.23 -7.39 -1.18
N GLN A 147 0.75 -6.82 -2.30
CA GLN A 147 1.50 -5.73 -2.92
C GLN A 147 1.63 -4.54 -1.99
N SER A 148 0.53 -4.18 -1.31
CA SER A 148 0.52 -3.07 -0.37
C SER A 148 1.61 -3.21 0.69
N ARG A 149 1.70 -4.40 1.28
CA ARG A 149 2.68 -4.58 2.35
CA ARG A 149 2.68 -4.58 2.35
C ARG A 149 4.08 -4.37 1.83
N LEU A 150 4.36 -4.79 0.60
CA LEU A 150 5.67 -4.53 0.02
C LEU A 150 5.86 -3.03 -0.26
N GLU A 151 4.86 -2.38 -0.84
CA GLU A 151 4.98 -0.94 -1.11
C GLU A 151 5.20 -0.16 0.17
N PHE A 152 4.57 -0.62 1.27
CA PHE A 152 4.69 0.01 2.57
C PHE A 152 6.10 -0.13 3.10
N LYS A 153 6.67 -1.34 3.03
CA LYS A 153 8.06 -1.54 3.44
C LYS A 153 9.01 -0.70 2.57
N LEU A 154 8.75 -0.60 1.27
CA LEU A 154 9.65 0.20 0.43
C LEU A 154 9.54 1.69 0.79
N ALA A 155 8.32 2.17 1.10
CA ALA A 155 8.13 3.57 1.46
C ALA A 155 8.84 3.89 2.78
N ARG A 156 8.81 2.96 3.73
CA ARG A 156 9.51 3.14 5.00
C ARG A 156 11.01 3.20 4.80
N ILE A 157 11.56 2.34 3.94
CA ILE A 157 12.99 2.38 3.65
C ILE A 157 13.37 3.73 3.03
N GLU A 158 12.57 4.20 2.06
CA GLU A 158 12.81 5.51 1.44
C GLU A 158 12.72 6.65 2.46
N LEU A 159 11.62 6.71 3.22
CA LEU A 159 11.46 7.79 4.19
C LEU A 159 12.59 7.76 5.23
N SER A 160 13.04 6.56 5.64
CA SER A 160 14.13 6.46 6.61
C SER A 160 15.42 7.10 6.08
N LYS A 161 15.66 6.97 4.77
CA LYS A 161 16.82 7.60 4.17
C LYS A 161 16.73 9.12 4.26
N TYR A 162 15.57 9.68 3.89
CA TYR A 162 15.42 11.14 3.86
C TYR A 162 15.30 11.76 5.25
N TYR A 163 14.87 11.01 6.26
CA TYR A 163 14.79 11.53 7.62
C TYR A 163 15.92 11.06 8.52
N ASN A 164 16.88 10.30 7.98
CA ASN A 164 18.08 9.88 8.70
C ASN A 164 17.77 9.14 10.00
N THR A 165 16.70 8.33 10.00
CA THR A 165 16.40 7.49 11.15
C THR A 165 15.46 6.37 10.73
N ASN A 166 15.40 5.31 11.54
CA ASN A 166 14.63 4.12 11.19
C ASN A 166 13.15 4.35 11.52
N LEU A 167 12.31 4.44 10.49
CA LEU A 167 10.89 4.75 10.68
C LEU A 167 10.00 3.53 10.56
#